data_2XK6
#
_entry.id   2XK6
#
_cell.length_a   101.400
_cell.length_b   56.890
_cell.length_c   82.140
_cell.angle_alpha   90.00
_cell.angle_beta   133.75
_cell.angle_gamma   90.00
#
_symmetry.space_group_name_H-M   'C 1 2 1'
#
loop_
_entity.id
_entity.type
_entity.pdbx_description
1 polymer 'SERINE/THREONINE-PROTEIN KINASE NEK2'
2 non-polymer 'cis-4-[3-amino-6-(3-cyclopropylthiophen-2-yl)pyrazin-2-yl]cyclohexanecarboxylic acid'
3 non-polymer 'CHLORIDE ION'
4 water water
#
_entity_poly.entity_id   1
_entity_poly.type   'polypeptide(L)'
_entity_poly.pdbx_seq_one_letter_code
;MPSRAEDYEVLYTIGTGSYGRCQKIRRKSDGKILVWKELDYGSMTEAEKQMLVSEVNLLRELKHPNIVRYYDRIIDRTNT
TLYIVMEYCEGGDLASVITKGTKERQYLDEEFVLRVMTQLTLALKECHRRSDGGHTVLHRDLKPANVFLDGKQNVKLGDF
GLARILNHDTSFAKTFVGTPYYMSPEQMNRMSYNEKSDIWSLGCLLYELCALMPPFTAFSQKELAGKIREGKFRRIPYRY
SDELNEIITRMLNLKDYHRPSVEEILENPLILEHHHHHH
;
_entity_poly.pdbx_strand_id   A
#
# COMPACT_ATOMS: atom_id res chain seq x y z
N ARG A 4 -13.58 -18.44 -17.48
CA ARG A 4 -14.94 -18.05 -17.12
C ARG A 4 -15.16 -18.17 -15.62
N ALA A 5 -16.21 -17.53 -15.12
CA ALA A 5 -16.53 -17.55 -13.69
C ALA A 5 -16.70 -18.98 -13.18
N GLU A 6 -17.29 -19.83 -14.02
CA GLU A 6 -17.52 -21.23 -13.67
C GLU A 6 -16.22 -21.99 -13.37
N ASP A 7 -15.09 -21.42 -13.80
CA ASP A 7 -13.78 -22.06 -13.56
C ASP A 7 -13.34 -21.94 -12.09
N TYR A 8 -14.05 -21.13 -11.33
CA TYR A 8 -13.70 -20.91 -9.92
C TYR A 8 -14.86 -21.20 -8.98
N GLU A 9 -14.53 -21.51 -7.73
CA GLU A 9 -15.53 -21.67 -6.69
C GLU A 9 -15.33 -20.65 -5.57
N VAL A 10 -16.32 -19.80 -5.34
CA VAL A 10 -16.25 -18.84 -4.25
C VAL A 10 -16.23 -19.60 -2.92
N LEU A 11 -15.22 -19.34 -2.09
CA LEU A 11 -15.17 -19.89 -0.74
C LEU A 11 -15.96 -19.01 0.23
N TYR A 12 -15.60 -17.73 0.30
CA TYR A 12 -16.36 -16.77 1.09
C TYR A 12 -15.92 -15.34 0.82
N THR A 13 -16.76 -14.40 1.23
CA THR A 13 -16.50 -12.99 1.04
C THR A 13 -15.52 -12.47 2.09
N ILE A 14 -14.52 -11.73 1.65
CA ILE A 14 -13.59 -11.06 2.55
C ILE A 14 -14.09 -9.65 2.79
N GLY A 15 -13.99 -8.82 1.77
CA GLY A 15 -14.46 -7.45 1.83
C GLY A 15 -15.29 -7.08 0.61
N ARG A 21 -17.08 -5.74 -3.90
CA ARG A 21 -16.94 -6.93 -3.07
C ARG A 21 -15.75 -7.82 -3.47
N CYS A 22 -14.93 -8.19 -2.48
CA CYS A 22 -13.79 -9.08 -2.69
C CYS A 22 -14.08 -10.47 -2.11
N GLN A 23 -13.67 -11.50 -2.83
CA GLN A 23 -13.95 -12.87 -2.39
C GLN A 23 -12.75 -13.80 -2.54
N LYS A 24 -12.58 -14.66 -1.55
CA LYS A 24 -11.59 -15.71 -1.61
C LYS A 24 -12.20 -16.82 -2.48
N ILE A 25 -11.45 -17.23 -3.51
CA ILE A 25 -11.96 -18.22 -4.44
C ILE A 25 -10.93 -19.33 -4.66
N ARG A 26 -11.40 -20.48 -5.16
CA ARG A 26 -10.53 -21.60 -5.45
C ARG A 26 -10.64 -21.99 -6.92
N ARG A 27 -9.50 -21.99 -7.60
CA ARG A 27 -9.46 -22.39 -9.00
C ARG A 27 -9.65 -23.90 -9.09
N LYS A 28 -10.60 -24.34 -9.91
CA LYS A 28 -10.96 -25.76 -9.97
C LYS A 28 -9.87 -26.67 -10.56
N SER A 29 -9.19 -26.17 -11.60
CA SER A 29 -8.20 -26.98 -12.32
C SER A 29 -7.06 -27.51 -11.45
N ASP A 30 -6.59 -26.71 -10.50
CA ASP A 30 -5.44 -27.10 -9.69
C ASP A 30 -5.66 -26.80 -8.20
N GLY A 31 -6.80 -26.22 -7.87
CA GLY A 31 -7.13 -25.92 -6.48
C GLY A 31 -6.39 -24.72 -5.90
N LYS A 32 -5.87 -23.85 -6.76
CA LYS A 32 -5.12 -22.70 -6.27
C LYS A 32 -6.01 -21.65 -5.61
N ILE A 33 -5.57 -21.14 -4.47
CA ILE A 33 -6.32 -20.14 -3.72
C ILE A 33 -6.02 -18.73 -4.23
N LEU A 34 -7.07 -18.02 -4.65
CA LEU A 34 -6.95 -16.68 -5.20
C LEU A 34 -8.02 -15.80 -4.60
N VAL A 35 -8.11 -14.56 -5.05
CA VAL A 35 -9.28 -13.76 -4.75
C VAL A 35 -9.74 -13.07 -6.03
N TRP A 36 -10.99 -12.65 -6.06
CA TRP A 36 -11.43 -11.76 -7.12
C TRP A 36 -12.19 -10.58 -6.56
N LYS A 37 -12.16 -9.49 -7.30
CA LYS A 37 -12.88 -8.27 -6.97
C LYS A 37 -14.06 -8.16 -7.94
N GLU A 38 -15.26 -8.02 -7.39
CA GLU A 38 -16.47 -7.87 -8.20
C GLU A 38 -16.67 -6.42 -8.61
N LEU A 39 -17.13 -6.22 -9.83
CA LEU A 39 -17.41 -4.88 -10.33
C LEU A 39 -18.62 -4.88 -11.26
N ASP A 40 -19.77 -4.48 -10.74
CA ASP A 40 -20.98 -4.36 -11.53
C ASP A 40 -20.92 -3.10 -12.39
N TYR A 41 -20.80 -3.29 -13.70
CA TYR A 41 -20.67 -2.17 -14.63
C TYR A 41 -22.00 -1.84 -15.32
N GLY A 42 -23.07 -2.50 -14.91
CA GLY A 42 -24.37 -2.33 -15.54
C GLY A 42 -24.85 -0.89 -15.66
N SER A 43 -24.36 -0.03 -14.77
CA SER A 43 -24.82 1.35 -14.71
C SER A 43 -23.81 2.36 -15.26
N MET A 44 -22.74 1.86 -15.86
CA MET A 44 -21.70 2.73 -16.41
C MET A 44 -22.00 3.19 -17.83
N THR A 45 -21.58 4.42 -18.14
CA THR A 45 -21.68 4.94 -19.49
C THR A 45 -20.65 4.24 -20.36
N GLU A 46 -20.81 4.35 -21.68
CA GLU A 46 -19.82 3.79 -22.59
C GLU A 46 -18.44 4.37 -22.29
N ALA A 47 -18.40 5.67 -22.01
CA ALA A 47 -17.15 6.38 -21.72
C ALA A 47 -16.46 5.82 -20.49
N GLU A 48 -17.24 5.55 -19.45
CA GLU A 48 -16.69 5.05 -18.19
C GLU A 48 -16.22 3.61 -18.32
N LYS A 49 -16.83 2.86 -19.24
CA LYS A 49 -16.44 1.47 -19.49
C LYS A 49 -15.13 1.41 -20.27
N GLN A 50 -14.96 2.35 -21.20
CA GLN A 50 -13.70 2.44 -21.94
C GLN A 50 -12.53 2.68 -20.99
N MET A 51 -12.73 3.58 -20.02
CA MET A 51 -11.70 3.86 -19.03
C MET A 51 -11.40 2.63 -18.19
N LEU A 52 -12.43 1.82 -17.93
CA LEU A 52 -12.28 0.62 -17.12
C LEU A 52 -11.44 -0.42 -17.84
N VAL A 53 -11.63 -0.52 -19.15
CA VAL A 53 -10.86 -1.45 -19.97
C VAL A 53 -9.40 -1.05 -20.05
N SER A 54 -9.14 0.26 -20.14
CA SER A 54 -7.78 0.77 -20.22
C SER A 54 -7.04 0.61 -18.88
N GLU A 55 -7.78 0.70 -17.78
CA GLU A 55 -7.19 0.52 -16.46
C GLU A 55 -6.89 -0.94 -16.17
N VAL A 56 -7.83 -1.82 -16.49
CA VAL A 56 -7.62 -3.25 -16.29
C VAL A 56 -6.43 -3.76 -17.10
N ASN A 57 -6.30 -3.26 -18.32
CA ASN A 57 -5.15 -3.61 -19.17
C ASN A 57 -3.85 -3.05 -18.59
N LEU A 58 -3.97 -1.94 -17.88
CA LEU A 58 -2.84 -1.34 -17.18
C LEU A 58 -2.31 -2.29 -16.12
N LEU A 59 -3.25 -2.88 -15.36
CA LEU A 59 -2.93 -3.77 -14.24
C LEU A 59 -2.29 -5.09 -14.67
N ARG A 60 -2.67 -5.59 -15.83
CA ARG A 60 -2.10 -6.84 -16.34
C ARG A 60 -0.62 -6.65 -16.63
N GLU A 61 -0.23 -5.42 -16.97
CA GLU A 61 1.14 -5.11 -17.35
C GLU A 61 2.14 -5.27 -16.21
N LEU A 62 1.95 -4.46 -15.16
CA LEU A 62 2.90 -4.43 -14.06
C LEU A 62 3.05 -5.76 -13.32
N LYS A 63 4.24 -6.34 -13.42
CA LYS A 63 4.58 -7.57 -12.73
C LYS A 63 5.79 -7.30 -11.84
N HIS A 64 5.63 -7.50 -10.55
CA HIS A 64 6.68 -7.21 -9.58
C HIS A 64 6.35 -7.93 -8.28
N PRO A 65 7.37 -8.48 -7.61
CA PRO A 65 7.16 -9.26 -6.39
C PRO A 65 6.47 -8.46 -5.28
N ASN A 66 6.67 -7.15 -5.26
CA ASN A 66 6.09 -6.33 -4.21
C ASN A 66 4.85 -5.53 -4.66
N ILE A 67 4.22 -6.00 -5.73
CA ILE A 67 2.96 -5.45 -6.22
C ILE A 67 1.92 -6.57 -6.39
N VAL A 68 0.75 -6.43 -5.77
CA VAL A 68 -0.26 -7.48 -5.88
C VAL A 68 -0.39 -7.92 -7.35
N ARG A 69 -0.23 -9.22 -7.61
CA ARG A 69 -0.31 -9.75 -8.97
C ARG A 69 -1.75 -9.90 -9.46
N TYR A 70 -2.02 -9.37 -10.64
CA TYR A 70 -3.34 -9.55 -11.26
C TYR A 70 -3.29 -10.59 -12.37
N TYR A 71 -4.03 -11.67 -12.20
CA TYR A 71 -3.94 -12.84 -13.08
C TYR A 71 -4.86 -12.77 -14.29
N ASP A 72 -6.11 -12.36 -14.07
CA ASP A 72 -7.13 -12.53 -15.10
C ASP A 72 -8.29 -11.56 -14.91
N ARG A 73 -9.08 -11.40 -15.96
CA ARG A 73 -10.30 -10.60 -15.91
C ARG A 73 -11.44 -11.41 -16.53
N ILE A 74 -12.55 -11.53 -15.81
CA ILE A 74 -13.68 -12.31 -16.27
C ILE A 74 -14.92 -11.46 -16.47
N ILE A 75 -15.44 -11.45 -17.70
CA ILE A 75 -16.67 -10.73 -18.00
C ILE A 75 -17.88 -11.65 -17.90
N ASP A 76 -18.86 -11.22 -17.11
CA ASP A 76 -20.15 -11.92 -17.03
C ASP A 76 -21.26 -10.94 -17.41
N ARG A 77 -21.51 -10.82 -18.70
CA ARG A 77 -22.48 -9.87 -19.23
C ARG A 77 -23.91 -10.12 -18.74
N THR A 78 -24.13 -11.30 -18.17
CA THR A 78 -25.45 -11.64 -17.63
C THR A 78 -25.83 -10.71 -16.48
N ASN A 79 -25.08 -10.79 -15.39
CA ASN A 79 -25.30 -9.92 -14.24
C ASN A 79 -24.52 -8.62 -14.39
N THR A 80 -24.01 -8.39 -15.59
CA THR A 80 -23.15 -7.23 -15.87
C THR A 80 -22.07 -7.06 -14.81
N THR A 81 -21.38 -8.17 -14.51
CA THR A 81 -20.34 -8.15 -13.50
C THR A 81 -18.97 -8.47 -14.06
N LEU A 82 -17.99 -7.65 -13.70
CA LEU A 82 -16.60 -7.88 -14.07
C LEU A 82 -15.83 -8.42 -12.87
N TYR A 83 -15.04 -9.46 -13.09
CA TYR A 83 -14.23 -10.05 -12.03
C TYR A 83 -12.76 -9.86 -12.32
N ILE A 84 -12.05 -9.20 -11.42
CA ILE A 84 -10.59 -9.14 -11.52
C ILE A 84 -10.00 -10.18 -10.59
N VAL A 85 -9.36 -11.19 -11.18
CA VAL A 85 -8.80 -12.30 -10.42
C VAL A 85 -7.37 -11.98 -10.03
N MET A 86 -7.04 -12.15 -8.75
CA MET A 86 -5.71 -11.78 -8.29
C MET A 86 -5.18 -12.70 -7.20
N GLU A 87 -3.90 -12.50 -6.90
CA GLU A 87 -3.18 -13.14 -5.82
C GLU A 87 -3.93 -13.03 -4.49
N TYR A 88 -3.88 -14.07 -3.67
CA TYR A 88 -4.42 -14.03 -2.31
C TYR A 88 -3.33 -13.68 -1.29
N CYS A 89 -3.59 -12.65 -0.48
CA CYS A 89 -2.63 -12.23 0.55
C CYS A 89 -3.17 -12.55 1.94
N GLU A 90 -2.77 -13.70 2.48
CA GLU A 90 -3.39 -14.23 3.70
C GLU A 90 -3.23 -13.35 4.94
N GLY A 91 -2.22 -12.49 4.95
CA GLY A 91 -2.00 -11.64 6.10
C GLY A 91 -2.89 -10.42 6.13
N GLY A 92 -3.68 -10.23 5.06
CA GLY A 92 -4.58 -9.09 5.00
C GLY A 92 -3.86 -7.76 4.81
N ASP A 93 -4.54 -6.66 5.12
CA ASP A 93 -4.00 -5.34 4.87
C ASP A 93 -3.22 -4.79 6.06
N LEU A 94 -2.41 -3.77 5.81
CA LEU A 94 -1.56 -3.18 6.83
C LEU A 94 -2.37 -2.32 7.82
N ALA A 95 -3.49 -1.78 7.36
CA ALA A 95 -4.34 -0.95 8.22
C ALA A 95 -4.88 -1.75 9.40
N SER A 96 -5.20 -3.01 9.16
CA SER A 96 -5.74 -3.88 10.21
C SER A 96 -4.66 -4.26 11.20
N VAL A 97 -3.44 -4.43 10.70
CA VAL A 97 -2.32 -4.74 11.58
C VAL A 97 -2.10 -3.61 12.57
N ILE A 98 -2.19 -2.38 12.08
CA ILE A 98 -2.00 -1.20 12.90
C ILE A 98 -3.12 -1.09 13.92
N THR A 99 -4.35 -1.32 13.47
CA THR A 99 -5.50 -1.29 14.35
C THR A 99 -5.33 -2.32 15.45
N LYS A 100 -4.99 -3.55 15.06
CA LYS A 100 -4.75 -4.61 16.02
C LYS A 100 -3.72 -4.19 17.07
N GLY A 101 -2.64 -3.56 16.64
CA GLY A 101 -1.61 -3.09 17.55
C GLY A 101 -2.11 -2.00 18.47
N THR A 102 -2.90 -1.08 17.93
CA THR A 102 -3.44 0.05 18.69
C THR A 102 -4.29 -0.44 19.85
N LYS A 103 -5.13 -1.43 19.56
CA LYS A 103 -6.06 -1.95 20.55
C LYS A 103 -5.36 -2.83 21.59
N GLU A 104 -4.56 -3.78 21.12
CA GLU A 104 -3.86 -4.69 22.01
C GLU A 104 -2.70 -4.01 22.72
N ARG A 105 -2.49 -2.73 22.41
CA ARG A 105 -1.38 -1.97 22.97
C ARG A 105 -0.06 -2.72 22.80
N GLN A 106 0.25 -3.11 21.57
CA GLN A 106 1.46 -3.86 21.27
C GLN A 106 2.15 -3.36 20.01
N TYR A 107 3.35 -2.82 20.18
CA TYR A 107 4.12 -2.28 19.07
C TYR A 107 4.68 -3.39 18.18
N LEU A 108 4.80 -3.10 16.89
CA LEU A 108 5.38 -4.05 15.94
C LEU A 108 6.91 -4.11 16.04
N ASP A 109 7.47 -5.29 15.77
CA ASP A 109 8.93 -5.48 15.73
C ASP A 109 9.61 -4.56 14.71
N GLU A 110 10.80 -4.09 15.06
CA GLU A 110 11.57 -3.29 14.12
C GLU A 110 11.84 -4.07 12.83
N GLU A 111 12.09 -5.36 12.97
CA GLU A 111 12.31 -6.24 11.82
C GLU A 111 11.15 -6.16 10.82
N PHE A 112 9.94 -6.10 11.34
CA PHE A 112 8.77 -6.01 10.47
C PHE A 112 8.73 -4.65 9.78
N VAL A 113 9.01 -3.60 10.54
CA VAL A 113 9.05 -2.25 9.97
C VAL A 113 10.11 -2.14 8.85
N LEU A 114 11.28 -2.75 9.07
CA LEU A 114 12.33 -2.75 8.06
C LEU A 114 11.91 -3.48 6.80
N ARG A 115 11.14 -4.56 6.96
CA ARG A 115 10.62 -5.31 5.82
C ARG A 115 9.67 -4.47 4.97
N VAL A 116 8.75 -3.78 5.64
CA VAL A 116 7.79 -2.93 4.94
C VAL A 116 8.55 -1.81 4.24
N MET A 117 9.50 -1.19 4.94
CA MET A 117 10.25 -0.09 4.34
C MET A 117 10.97 -0.56 3.08
N THR A 118 11.67 -1.71 3.19
CA THR A 118 12.45 -2.22 2.08
C THR A 118 11.59 -2.57 0.87
N GLN A 119 10.52 -3.31 1.12
CA GLN A 119 9.70 -3.84 0.03
C GLN A 119 8.75 -2.81 -0.62
N LEU A 120 8.23 -1.88 0.17
CA LEU A 120 7.46 -0.78 -0.40
C LEU A 120 8.33 0.17 -1.21
N THR A 121 9.57 0.34 -0.76
CA THR A 121 10.52 1.21 -1.47
C THR A 121 10.83 0.61 -2.83
N LEU A 122 10.97 -0.70 -2.88
CA LEU A 122 11.16 -1.39 -4.15
C LEU A 122 9.91 -1.30 -5.03
N ALA A 123 8.72 -1.38 -4.45
CA ALA A 123 7.49 -1.18 -5.21
C ALA A 123 7.44 0.21 -5.84
N LEU A 124 7.77 1.23 -5.03
CA LEU A 124 7.77 2.61 -5.53
C LEU A 124 8.77 2.81 -6.66
N LYS A 125 9.96 2.24 -6.50
CA LYS A 125 11.01 2.36 -7.49
C LYS A 125 10.50 1.86 -8.84
N GLU A 126 9.71 0.80 -8.80
CA GLU A 126 9.15 0.19 -10.00
C GLU A 126 8.05 1.06 -10.59
N CYS A 127 7.18 1.60 -9.72
CA CYS A 127 6.14 2.52 -10.17
C CYS A 127 6.72 3.74 -10.87
N HIS A 128 7.80 4.28 -10.30
CA HIS A 128 8.45 5.46 -10.87
C HIS A 128 9.04 5.11 -12.23
N ARG A 129 9.50 3.87 -12.38
CA ARG A 129 10.13 3.43 -13.61
C ARG A 129 9.14 3.33 -14.75
N ARG A 130 7.92 2.88 -14.44
CA ARG A 130 6.86 2.79 -15.44
C ARG A 130 6.18 4.14 -15.63
N SER A 131 6.96 5.21 -15.46
CA SER A 131 6.47 6.57 -15.65
C SER A 131 7.53 7.44 -16.29
N ARG A 140 -0.82 4.66 -7.52
CA ARG A 140 -1.07 3.79 -6.37
C ARG A 140 -0.93 4.55 -5.05
N ASP A 141 -2.06 4.83 -4.41
CA ASP A 141 -2.05 5.53 -3.13
C ASP A 141 -1.27 4.74 -2.10
N LEU A 142 -0.35 5.41 -1.43
CA LEU A 142 0.50 4.75 -0.43
C LEU A 142 -0.04 4.95 0.97
N LYS A 143 -1.11 4.23 1.29
CA LYS A 143 -1.66 4.23 2.63
C LYS A 143 -1.76 2.79 3.12
N PRO A 144 -1.87 2.60 4.44
CA PRO A 144 -1.86 1.24 5.00
C PRO A 144 -2.93 0.33 4.39
N ALA A 145 -4.10 0.87 4.09
CA ALA A 145 -5.19 0.06 3.55
C ALA A 145 -4.86 -0.49 2.16
N ASN A 146 -3.81 0.03 1.53
CA ASN A 146 -3.46 -0.43 0.20
C ASN A 146 -2.18 -1.27 0.22
N VAL A 147 -1.80 -1.72 1.41
CA VAL A 147 -0.60 -2.55 1.54
C VAL A 147 -0.97 -3.89 2.15
N PHE A 148 -0.58 -4.96 1.46
CA PHE A 148 -1.01 -6.30 1.85
C PHE A 148 0.13 -7.22 2.20
N LEU A 149 -0.15 -8.20 3.06
CA LEU A 149 0.84 -9.16 3.51
C LEU A 149 0.47 -10.57 3.04
N ASP A 150 1.43 -11.30 2.47
CA ASP A 150 1.17 -12.70 2.11
C ASP A 150 1.59 -13.65 3.23
N GLY A 151 1.73 -14.94 2.91
CA GLY A 151 2.04 -15.94 3.91
C GLY A 151 3.52 -16.18 4.18
N LYS A 152 4.38 -15.43 3.49
CA LYS A 152 5.82 -15.67 3.58
C LYS A 152 6.60 -14.42 3.95
N GLN A 153 5.95 -13.51 4.68
CA GLN A 153 6.59 -12.28 5.16
C GLN A 153 6.89 -11.28 4.04
N ASN A 154 6.11 -11.35 2.96
CA ASN A 154 6.29 -10.40 1.87
C ASN A 154 5.24 -9.31 1.92
N VAL A 155 5.60 -8.14 1.45
CA VAL A 155 4.76 -6.96 1.52
C VAL A 155 4.43 -6.53 0.11
N LYS A 156 3.14 -6.34 -0.17
CA LYS A 156 2.70 -6.00 -1.52
C LYS A 156 1.83 -4.76 -1.60
N LEU A 157 2.11 -3.93 -2.59
CA LEU A 157 1.33 -2.73 -2.84
C LEU A 157 0.17 -3.04 -3.78
N GLY A 158 -1.04 -2.73 -3.35
CA GLY A 158 -2.21 -2.95 -4.17
C GLY A 158 -2.63 -1.69 -4.92
N ASP A 159 -3.86 -1.70 -5.44
CA ASP A 159 -4.39 -0.53 -6.11
C ASP A 159 -5.63 -0.02 -5.39
N VAL A 177 -13.67 13.17 2.00
CA VAL A 177 -14.45 12.92 3.20
C VAL A 177 -13.57 12.70 4.43
N GLY A 178 -12.50 11.93 4.24
CA GLY A 178 -11.56 11.67 5.33
C GLY A 178 -10.45 12.70 5.39
N THR A 179 -9.70 12.69 6.48
CA THR A 179 -8.57 13.60 6.66
C THR A 179 -7.35 13.05 5.92
N PRO A 180 -6.71 13.89 5.08
CA PRO A 180 -5.58 13.49 4.24
C PRO A 180 -4.26 13.45 5.02
N TYR A 181 -4.13 12.50 5.94
CA TYR A 181 -2.96 12.40 6.81
C TYR A 181 -1.62 12.36 6.07
N TYR A 182 -1.62 11.78 4.88
CA TYR A 182 -0.37 11.57 4.13
C TYR A 182 -0.13 12.62 3.05
N MET A 183 -0.89 13.70 3.06
CA MET A 183 -0.70 14.77 2.09
C MET A 183 0.62 15.49 2.34
N SER A 184 1.41 15.67 1.29
CA SER A 184 2.72 16.29 1.44
C SER A 184 2.61 17.81 1.31
N PRO A 185 3.60 18.53 1.84
CA PRO A 185 3.66 20.00 1.73
C PRO A 185 3.47 20.48 0.30
N GLU A 186 4.16 19.85 -0.66
CA GLU A 186 4.04 20.25 -2.06
C GLU A 186 2.62 20.07 -2.56
N GLN A 187 2.00 18.95 -2.20
CA GLN A 187 0.66 18.64 -2.67
C GLN A 187 -0.35 19.66 -2.17
N MET A 188 -0.06 20.28 -1.04
CA MET A 188 -0.94 21.31 -0.48
C MET A 188 -0.97 22.57 -1.34
N ASN A 189 -0.05 22.68 -2.29
CA ASN A 189 -0.02 23.79 -3.23
C ASN A 189 0.35 23.33 -4.65
N ARG A 190 1.66 23.21 -4.89
CA ARG A 190 2.16 22.74 -6.17
C ARG A 190 1.79 21.28 -6.42
N ASN A 194 6.00 14.67 -8.80
CA ASN A 194 7.13 14.70 -7.88
C ASN A 194 7.28 13.39 -7.10
N GLU A 195 8.31 12.62 -7.43
CA GLU A 195 8.56 11.35 -6.77
C GLU A 195 8.91 11.53 -5.30
N LYS A 196 9.41 12.70 -4.94
CA LYS A 196 9.74 12.96 -3.54
C LYS A 196 8.49 13.08 -2.68
N SER A 197 7.35 13.33 -3.30
CA SER A 197 6.06 13.33 -2.61
C SER A 197 5.72 11.92 -2.16
N ASP A 198 6.06 10.94 -2.99
CA ASP A 198 5.86 9.56 -2.62
C ASP A 198 6.73 9.19 -1.42
N ILE A 199 7.94 9.75 -1.35
CA ILE A 199 8.83 9.48 -0.22
C ILE A 199 8.20 9.97 1.09
N TRP A 200 7.64 11.18 1.07
CA TRP A 200 6.93 11.73 2.23
C TRP A 200 5.85 10.76 2.70
N SER A 201 4.99 10.33 1.77
CA SER A 201 3.91 9.42 2.10
C SER A 201 4.41 8.10 2.69
N LEU A 202 5.50 7.59 2.15
CA LEU A 202 6.09 6.37 2.71
C LEU A 202 6.53 6.67 4.14
N GLY A 203 7.09 7.87 4.34
CA GLY A 203 7.53 8.30 5.65
C GLY A 203 6.36 8.29 6.63
N CYS A 204 5.22 8.79 6.19
CA CYS A 204 4.03 8.82 7.01
C CYS A 204 3.56 7.41 7.38
N LEU A 205 3.57 6.52 6.38
CA LEU A 205 3.13 5.14 6.57
C LEU A 205 4.04 4.41 7.56
N LEU A 206 5.35 4.52 7.36
CA LEU A 206 6.30 3.87 8.25
C LEU A 206 6.21 4.46 9.65
N TYR A 207 6.04 5.78 9.73
CA TYR A 207 5.90 6.44 11.02
C TYR A 207 4.69 5.87 11.76
N GLU A 208 3.57 5.78 11.06
CA GLU A 208 2.36 5.26 11.70
C GLU A 208 2.54 3.78 12.09
N LEU A 209 3.29 3.03 11.29
CA LEU A 209 3.58 1.64 11.64
C LEU A 209 4.25 1.54 13.00
N CYS A 210 5.18 2.45 13.27
CA CYS A 210 5.96 2.44 14.50
C CYS A 210 5.18 2.99 15.71
N ALA A 211 4.58 4.17 15.52
CA ALA A 211 3.93 4.89 16.60
C ALA A 211 2.49 4.42 16.81
N LEU A 212 1.91 3.82 15.78
CA LEU A 212 0.51 3.40 15.80
C LEU A 212 -0.42 4.61 15.68
N MET A 213 0.16 5.73 15.28
CA MET A 213 -0.61 6.92 14.92
C MET A 213 0.18 7.69 13.88
N PRO A 214 -0.50 8.53 13.07
CA PRO A 214 0.16 9.31 12.02
C PRO A 214 0.99 10.41 12.65
N PRO A 215 1.99 10.94 11.92
CA PRO A 215 2.89 11.94 12.51
C PRO A 215 2.18 13.26 12.75
N PHE A 216 1.21 13.58 11.91
CA PHE A 216 0.40 14.79 12.05
C PHE A 216 -1.06 14.41 12.15
N THR A 217 -1.69 14.78 13.26
CA THR A 217 -3.11 14.53 13.45
C THR A 217 -3.84 15.86 13.67
N ALA A 218 -5.12 15.89 13.34
CA ALA A 218 -5.94 17.07 13.52
C ALA A 218 -7.40 16.71 13.25
N PHE A 219 -8.31 17.64 13.56
CA PHE A 219 -9.74 17.38 13.36
C PHE A 219 -10.26 17.91 12.03
N SER A 220 -9.62 18.97 11.52
CA SER A 220 -9.99 19.52 10.22
C SER A 220 -8.78 19.54 9.31
N GLN A 221 -9.02 19.58 7.99
CA GLN A 221 -7.92 19.58 7.05
C GLN A 221 -7.07 20.85 7.15
N LYS A 222 -7.72 21.96 7.52
CA LYS A 222 -7.00 23.22 7.69
C LYS A 222 -6.04 23.15 8.86
N GLU A 223 -6.51 22.60 9.98
CA GLU A 223 -5.65 22.37 11.13
C GLU A 223 -4.51 21.44 10.73
N LEU A 224 -4.85 20.39 10.00
CA LEU A 224 -3.85 19.45 9.50
C LEU A 224 -2.80 20.15 8.65
N ALA A 225 -3.26 20.90 7.65
CA ALA A 225 -2.34 21.63 6.79
C ALA A 225 -1.40 22.48 7.64
N GLY A 226 -1.95 23.08 8.69
CA GLY A 226 -1.16 23.87 9.62
C GLY A 226 -0.01 23.09 10.24
N LYS A 227 -0.30 21.89 10.72
CA LYS A 227 0.71 21.06 11.38
C LYS A 227 1.77 20.55 10.40
N ILE A 228 1.33 20.14 9.22
CA ILE A 228 2.25 19.70 8.17
C ILE A 228 3.28 20.77 7.82
N ARG A 229 2.80 21.98 7.55
CA ARG A 229 3.70 23.09 7.20
C ARG A 229 4.74 23.38 8.28
N GLU A 230 4.39 23.09 9.53
CA GLU A 230 5.33 23.29 10.63
C GLU A 230 6.39 22.19 10.64
N GLY A 231 5.99 21.00 10.21
CA GLY A 231 6.90 19.89 10.01
C GLY A 231 7.44 19.25 11.28
N LYS A 232 6.72 19.42 12.40
CA LYS A 232 7.14 18.86 13.68
C LYS A 232 6.28 17.65 14.10
N PHE A 233 6.89 16.72 14.83
CA PHE A 233 6.18 15.52 15.25
C PHE A 233 6.97 14.84 16.35
N ARG A 234 6.35 13.90 17.05
CA ARG A 234 7.02 13.16 18.11
C ARG A 234 8.03 12.19 17.50
N ARG A 235 9.09 11.88 18.24
CA ARG A 235 9.98 10.80 17.84
C ARG A 235 9.17 9.52 17.93
N ILE A 236 9.40 8.59 17.00
CA ILE A 236 8.82 7.26 17.12
C ILE A 236 9.28 6.65 18.44
N PRO A 237 8.56 5.65 18.95
CA PRO A 237 8.88 5.11 20.28
C PRO A 237 10.34 4.65 20.42
N TYR A 238 10.82 4.66 21.67
CA TYR A 238 12.24 4.38 21.95
C TYR A 238 12.65 2.93 21.76
N ARG A 239 11.68 2.02 21.68
CA ARG A 239 12.04 0.65 21.37
C ARG A 239 12.70 0.57 20.00
N TYR A 240 12.44 1.57 19.14
CA TYR A 240 13.02 1.63 17.81
C TYR A 240 14.35 2.39 17.77
N SER A 241 15.30 1.87 16.99
CA SER A 241 16.66 2.40 16.94
C SER A 241 16.73 3.82 16.40
N ASP A 242 17.75 4.55 16.84
CA ASP A 242 18.06 5.87 16.29
C ASP A 242 18.22 5.85 14.77
N GLU A 243 18.76 4.78 14.21
CA GLU A 243 18.95 4.71 12.77
C GLU A 243 17.60 4.69 12.06
N LEU A 244 16.66 3.92 12.59
CA LEU A 244 15.32 3.83 11.99
C LEU A 244 14.59 5.17 12.15
N ASN A 245 14.65 5.75 13.34
CA ASN A 245 14.06 7.05 13.53
C ASN A 245 14.64 8.08 12.57
N GLU A 246 15.96 8.03 12.38
CA GLU A 246 16.63 8.98 11.50
C GLU A 246 16.08 8.97 10.07
N ILE A 247 15.92 7.78 9.48
CA ILE A 247 15.52 7.72 8.08
C ILE A 247 14.04 8.07 7.88
N ILE A 248 13.19 7.66 8.81
CA ILE A 248 11.81 8.08 8.76
C ILE A 248 11.73 9.61 8.90
N THR A 249 12.59 10.18 9.73
CA THR A 249 12.58 11.62 9.91
C THR A 249 13.00 12.32 8.62
N ARG A 250 14.02 11.80 7.95
CA ARG A 250 14.45 12.35 6.66
C ARG A 250 13.35 12.34 5.61
N MET A 251 12.59 11.25 5.54
CA MET A 251 11.51 11.15 4.57
C MET A 251 10.46 12.20 4.83
N LEU A 252 10.38 12.66 6.08
CA LEU A 252 9.40 13.68 6.48
C LEU A 252 9.97 15.10 6.49
N ASN A 253 11.03 15.32 5.75
CA ASN A 253 11.57 16.67 5.63
C ASN A 253 10.62 17.57 4.84
N LEU A 254 10.53 18.84 5.24
CA LEU A 254 9.68 19.80 4.54
C LEU A 254 10.15 20.07 3.12
N LYS A 255 11.45 20.05 2.90
CA LYS A 255 12.00 20.24 1.56
C LYS A 255 12.06 18.91 0.82
N ASP A 256 11.33 18.80 -0.28
CA ASP A 256 11.39 17.57 -1.05
C ASP A 256 12.82 17.19 -1.42
N TYR A 257 13.68 18.17 -1.62
CA TYR A 257 15.05 17.86 -2.03
C TYR A 257 15.97 17.38 -0.90
N HIS A 258 15.48 17.42 0.34
CA HIS A 258 16.23 16.84 1.45
C HIS A 258 15.81 15.40 1.76
N ARG A 259 14.65 14.98 1.26
CA ARG A 259 14.19 13.60 1.44
C ARG A 259 15.05 12.64 0.62
N PRO A 260 15.34 11.47 1.18
CA PRO A 260 16.19 10.52 0.45
C PRO A 260 15.46 9.99 -0.76
N SER A 261 16.20 9.67 -1.82
CA SER A 261 15.63 9.02 -2.98
C SER A 261 15.49 7.53 -2.65
N VAL A 262 14.72 6.83 -3.47
CA VAL A 262 14.60 5.38 -3.35
C VAL A 262 15.98 4.72 -3.24
N GLU A 263 16.91 5.17 -4.07
CA GLU A 263 18.26 4.64 -4.07
C GLU A 263 18.96 4.88 -2.74
N GLU A 264 18.85 6.10 -2.22
CA GLU A 264 19.49 6.43 -0.96
C GLU A 264 18.88 5.66 0.21
N ILE A 265 17.56 5.48 0.19
CA ILE A 265 16.91 4.63 1.19
C ILE A 265 17.50 3.20 1.22
N LEU A 266 17.62 2.56 0.06
CA LEU A 266 18.09 1.17 -0.01
C LEU A 266 19.58 0.98 0.35
N GLU A 267 20.36 2.05 0.22
CA GLU A 267 21.76 2.03 0.64
C GLU A 267 21.92 2.05 2.17
N ASN A 268 20.81 2.25 2.89
CA ASN A 268 20.88 2.34 4.34
C ASN A 268 21.36 1.01 4.96
N PRO A 269 22.34 1.08 5.88
CA PRO A 269 22.87 -0.12 6.54
C PRO A 269 21.79 -0.92 7.28
N LEU A 270 20.67 -0.30 7.63
CA LEU A 270 19.56 -1.07 8.24
C LEU A 270 19.07 -2.19 7.34
N ILE A 271 19.12 -1.98 6.04
CA ILE A 271 18.40 -2.83 5.11
C ILE A 271 19.26 -3.98 4.59
N LEU A 272 18.82 -5.20 4.86
CA LEU A 272 19.59 -6.40 4.53
C LEU A 272 18.81 -7.33 3.61
N GLU A 273 19.49 -8.35 3.09
CA GLU A 273 18.86 -9.32 2.18
C GLU A 273 17.55 -9.90 2.73
N HIS A 274 17.56 -10.31 4.00
CA HIS A 274 16.39 -10.99 4.56
C HIS A 274 15.15 -10.09 4.67
N HIS A 275 15.33 -8.77 4.58
CA HIS A 275 14.22 -7.82 4.62
C HIS A 275 13.46 -7.74 3.29
N HIS A 276 14.08 -8.25 2.23
CA HIS A 276 13.50 -8.28 0.88
C HIS A 276 12.49 -9.41 0.75
N HIS A 277 11.85 -9.48 -0.41
CA HIS A 277 10.88 -10.53 -0.69
C HIS A 277 11.55 -11.88 -0.86
N HIS A 278 10.85 -12.95 -0.48
CA HIS A 278 11.28 -14.31 -0.75
C HIS A 278 10.11 -15.17 -1.21
N HIS A 279 10.27 -15.82 -2.36
CA HIS A 279 9.25 -16.71 -2.88
C HIS A 279 9.09 -17.92 -1.97
#